data_2LZI
#
_entry.id   2LZI
#
_entity_poly.entity_id   1
_entity_poly.type   'polypeptide(L)'
_entity_poly.pdbx_seq_one_letter_code
;GICRCICGRRICRCICGR
;
_entity_poly.pdbx_strand_id   A
#
# COMPACT_ATOMS: atom_id res chain seq x y z
N GLY A 1 2.57 -3.17 -11.70
CA GLY A 1 3.50 -2.06 -11.92
C GLY A 1 3.32 -0.89 -10.95
N ILE A 2 2.25 -0.89 -10.22
CA ILE A 2 1.94 0.18 -9.32
C ILE A 2 1.60 -0.38 -7.97
N CYS A 3 1.87 0.37 -6.96
CA CYS A 3 1.59 -0.02 -5.63
C CYS A 3 0.60 0.93 -5.01
N ARG A 4 -0.11 0.44 -4.07
CA ARG A 4 -1.07 1.21 -3.32
C ARG A 4 -0.76 1.05 -1.87
N CYS A 5 -0.11 2.03 -1.31
CA CYS A 5 0.18 2.05 0.08
C CYS A 5 -1.01 2.58 0.84
N ILE A 6 -1.70 1.67 1.48
CA ILE A 6 -2.83 1.99 2.27
C ILE A 6 -2.34 2.12 3.70
N CYS A 7 -2.57 3.23 4.29
CA CYS A 7 -2.10 3.49 5.65
C CYS A 7 -3.23 3.86 6.56
N GLY A 8 -3.07 3.52 7.82
CA GLY A 8 -4.01 3.92 8.83
C GLY A 8 -3.36 4.96 9.67
N ARG A 9 -2.95 4.57 10.82
CA ARG A 9 -2.19 5.42 11.67
C ARG A 9 -0.73 5.32 11.26
N ARG A 10 -0.13 4.18 11.50
CA ARG A 10 1.26 3.95 11.08
C ARG A 10 1.46 2.65 10.38
N ILE A 11 0.49 1.80 10.42
CA ILE A 11 0.58 0.55 9.73
C ILE A 11 0.11 0.80 8.32
N CYS A 12 0.77 0.23 7.41
CA CYS A 12 0.49 0.41 6.02
C CYS A 12 0.63 -0.89 5.32
N ARG A 13 0.03 -0.97 4.20
CA ARG A 13 0.10 -2.11 3.32
C ARG A 13 0.19 -1.63 1.92
N CYS A 14 1.30 -1.86 1.33
CA CYS A 14 1.53 -1.48 -0.01
C CYS A 14 1.27 -2.67 -0.91
N ILE A 15 0.11 -2.67 -1.50
CA ILE A 15 -0.27 -3.73 -2.38
C ILE A 15 0.13 -3.37 -3.81
N CYS A 16 0.95 -4.18 -4.39
CA CYS A 16 1.44 -3.95 -5.71
C CYS A 16 0.84 -4.97 -6.63
N GLY A 17 0.09 -4.50 -7.60
CA GLY A 17 -0.59 -5.42 -8.47
C GLY A 17 0.06 -5.48 -9.81
N ARG A 18 -0.07 -4.43 -10.58
CA ARG A 18 0.51 -4.39 -11.90
C ARG A 18 1.31 -3.12 -12.10
N GLY A 1 1.76 -3.59 -12.00
CA GLY A 1 2.55 -2.52 -12.54
C GLY A 1 2.71 -1.36 -11.58
N ILE A 2 1.81 -1.25 -10.64
CA ILE A 2 1.82 -0.15 -9.70
C ILE A 2 1.61 -0.67 -8.28
N CYS A 3 2.13 0.07 -7.33
CA CYS A 3 1.97 -0.24 -5.94
C CYS A 3 1.31 0.92 -5.25
N ARG A 4 0.53 0.61 -4.24
CA ARG A 4 -0.18 1.60 -3.49
C ARG A 4 0.05 1.36 -2.02
N CYS A 5 0.53 2.35 -1.34
CA CYS A 5 0.78 2.29 0.04
C CYS A 5 -0.39 2.86 0.81
N ILE A 6 -1.17 1.98 1.35
CA ILE A 6 -2.30 2.34 2.13
C ILE A 6 -1.89 2.35 3.58
N CYS A 7 -2.24 3.37 4.29
CA CYS A 7 -1.91 3.50 5.69
C CYS A 7 -3.15 3.79 6.48
N GLY A 8 -3.15 3.42 7.72
CA GLY A 8 -4.27 3.71 8.56
C GLY A 8 -3.85 4.69 9.60
N ARG A 9 -3.69 4.21 10.77
CA ARG A 9 -3.24 5.00 11.86
C ARG A 9 -1.73 4.90 11.94
N ARG A 10 -1.21 3.68 11.98
CA ARG A 10 0.23 3.46 12.05
C ARG A 10 0.71 2.35 11.15
N ILE A 11 -0.19 1.61 10.62
CA ILE A 11 0.20 0.50 9.78
C ILE A 11 0.06 0.93 8.33
N CYS A 12 0.91 0.41 7.51
CA CYS A 12 0.90 0.69 6.10
C CYS A 12 1.12 -0.60 5.36
N ARG A 13 0.73 -0.59 4.14
CA ARG A 13 0.85 -1.73 3.28
C ARG A 13 0.97 -1.26 1.85
N CYS A 14 2.11 -1.44 1.26
CA CYS A 14 2.30 -1.14 -0.11
C CYS A 14 1.96 -2.37 -0.91
N ILE A 15 0.78 -2.37 -1.44
CA ILE A 15 0.27 -3.48 -2.19
C ILE A 15 0.44 -3.23 -3.67
N CYS A 16 1.16 -4.10 -4.29
CA CYS A 16 1.42 -4.02 -5.70
C CYS A 16 0.42 -4.85 -6.45
N GLY A 17 -0.27 -4.22 -7.36
CA GLY A 17 -1.26 -4.91 -8.13
C GLY A 17 -0.67 -5.38 -9.40
N ARG A 18 -0.76 -4.58 -10.42
CA ARG A 18 -0.21 -4.92 -11.68
C ARG A 18 0.50 -3.70 -12.28
N GLY A 1 2.85 -3.63 -11.23
CA GLY A 1 3.96 -2.72 -11.40
C GLY A 1 3.90 -1.53 -10.47
N ILE A 2 2.72 -1.17 -10.04
CA ILE A 2 2.54 -0.03 -9.19
C ILE A 2 1.88 -0.51 -7.91
N CYS A 3 2.22 0.10 -6.81
CA CYS A 3 1.68 -0.29 -5.56
C CYS A 3 0.92 0.86 -4.93
N ARG A 4 -0.12 0.51 -4.23
CA ARG A 4 -0.96 1.45 -3.55
C ARG A 4 -0.76 1.29 -2.06
N CYS A 5 -0.16 2.28 -1.46
CA CYS A 5 0.12 2.25 -0.07
C CYS A 5 -1.03 2.79 0.75
N ILE A 6 -1.75 1.87 1.35
CA ILE A 6 -2.83 2.17 2.21
C ILE A 6 -2.26 2.25 3.61
N CYS A 7 -2.58 3.26 4.33
CA CYS A 7 -2.05 3.43 5.66
C CYS A 7 -3.18 3.51 6.66
N GLY A 8 -2.97 2.92 7.81
CA GLY A 8 -3.97 2.97 8.83
C GLY A 8 -3.60 3.99 9.86
N ARG A 9 -3.29 3.52 11.04
CA ARG A 9 -2.87 4.37 12.12
C ARG A 9 -1.46 4.91 11.84
N ARG A 10 -0.57 4.03 11.36
CA ARG A 10 0.84 4.38 11.02
C ARG A 10 1.45 3.37 10.09
N ILE A 11 1.11 2.14 10.28
CA ILE A 11 1.63 1.07 9.45
C ILE A 11 0.92 1.12 8.11
N CYS A 12 1.63 0.83 7.06
CA CYS A 12 1.05 0.89 5.75
C CYS A 12 1.15 -0.45 5.07
N ARG A 13 0.28 -0.62 4.14
CA ARG A 13 0.14 -1.80 3.36
C ARG A 13 0.15 -1.41 1.90
N CYS A 14 1.24 -1.67 1.24
CA CYS A 14 1.36 -1.36 -0.13
C CYS A 14 0.96 -2.56 -0.96
N ILE A 15 -0.23 -2.50 -1.51
CA ILE A 15 -0.76 -3.54 -2.33
C ILE A 15 -0.35 -3.28 -3.79
N CYS A 16 0.30 -4.24 -4.39
CA CYS A 16 0.81 -4.06 -5.73
C CYS A 16 -0.10 -4.75 -6.72
N GLY A 17 -0.52 -4.01 -7.71
CA GLY A 17 -1.43 -4.55 -8.68
C GLY A 17 -0.69 -5.11 -9.86
N ARG A 18 -0.03 -4.24 -10.57
CA ARG A 18 0.73 -4.62 -11.72
C ARG A 18 1.79 -3.57 -12.00
N GLY A 1 3.14 -3.29 -11.24
CA GLY A 1 4.27 -2.40 -11.18
C GLY A 1 4.15 -1.38 -10.07
N ILE A 2 2.94 -1.02 -9.74
CA ILE A 2 2.68 -0.01 -8.76
C ILE A 2 1.92 -0.67 -7.63
N CYS A 3 2.07 -0.15 -6.45
CA CYS A 3 1.37 -0.70 -5.35
C CYS A 3 0.54 0.36 -4.68
N ARG A 4 -0.63 -0.01 -4.33
CA ARG A 4 -1.58 0.84 -3.69
C ARG A 4 -1.28 0.86 -2.22
N CYS A 5 -0.70 1.92 -1.77
CA CYS A 5 -0.35 2.07 -0.42
C CYS A 5 -1.42 2.87 0.29
N ILE A 6 -1.95 2.29 1.32
CA ILE A 6 -2.90 2.93 2.16
C ILE A 6 -2.40 2.79 3.60
N CYS A 7 -2.51 3.81 4.36
CA CYS A 7 -1.98 3.81 5.68
C CYS A 7 -3.06 3.62 6.72
N GLY A 8 -2.70 2.93 7.76
CA GLY A 8 -3.60 2.76 8.86
C GLY A 8 -3.33 3.81 9.88
N ARG A 9 -2.92 3.40 11.03
CA ARG A 9 -2.60 4.34 12.07
C ARG A 9 -1.14 4.74 11.97
N ARG A 10 -0.30 3.77 11.63
CA ARG A 10 1.13 3.98 11.55
C ARG A 10 1.69 3.32 10.32
N ILE A 11 1.40 2.08 10.22
CA ILE A 11 1.88 1.19 9.18
C ILE A 11 1.04 1.40 7.92
N CYS A 12 1.61 1.11 6.79
CA CYS A 12 0.90 1.23 5.57
C CYS A 12 0.95 -0.08 4.82
N ARG A 13 -0.05 -0.30 4.03
CA ARG A 13 -0.19 -1.52 3.30
C ARG A 13 -0.14 -1.20 1.83
N CYS A 14 0.84 -1.71 1.17
CA CYS A 14 1.04 -1.52 -0.23
C CYS A 14 0.70 -2.77 -1.00
N ILE A 15 -0.48 -2.79 -1.55
CA ILE A 15 -0.93 -3.92 -2.35
C ILE A 15 -0.50 -3.70 -3.78
N CYS A 16 0.33 -4.56 -4.28
CA CYS A 16 0.89 -4.42 -5.59
C CYS A 16 0.00 -4.97 -6.66
N GLY A 17 -0.15 -4.21 -7.73
CA GLY A 17 -0.95 -4.65 -8.83
C GLY A 17 -0.06 -4.95 -9.99
N ARG A 18 0.14 -3.96 -10.82
CA ARG A 18 1.02 -4.09 -11.95
C ARG A 18 2.06 -3.01 -11.91
N GLY A 1 2.82 -3.59 -11.41
CA GLY A 1 3.84 -2.57 -11.60
C GLY A 1 3.68 -1.40 -10.64
N ILE A 2 2.46 -1.13 -10.23
CA ILE A 2 2.18 -0.02 -9.37
C ILE A 2 1.65 -0.58 -8.08
N CYS A 3 1.96 0.05 -7.01
CA CYS A 3 1.54 -0.39 -5.74
C CYS A 3 0.74 0.69 -5.07
N ARG A 4 -0.24 0.30 -4.32
CA ARG A 4 -1.10 1.21 -3.63
C ARG A 4 -0.79 1.16 -2.16
N CYS A 5 -0.32 2.24 -1.62
CA CYS A 5 0.05 2.31 -0.24
C CYS A 5 -1.04 2.92 0.61
N ILE A 6 -1.79 2.08 1.27
CA ILE A 6 -2.82 2.53 2.16
C ILE A 6 -2.29 2.50 3.59
N CYS A 7 -2.46 3.58 4.29
CA CYS A 7 -1.95 3.68 5.64
C CYS A 7 -3.11 3.88 6.61
N GLY A 8 -2.90 3.51 7.85
CA GLY A 8 -3.93 3.65 8.85
C GLY A 8 -3.42 4.42 10.01
N ARG A 9 -3.29 3.77 11.14
CA ARG A 9 -2.77 4.40 12.31
C ARG A 9 -1.28 4.68 12.17
N ARG A 10 -0.48 3.63 11.98
CA ARG A 10 0.98 3.76 11.92
C ARG A 10 1.57 2.74 10.96
N ILE A 11 0.71 2.01 10.30
CA ILE A 11 1.16 0.94 9.45
C ILE A 11 0.59 1.17 8.07
N CYS A 12 1.30 0.76 7.07
CA CYS A 12 0.85 0.89 5.74
C CYS A 12 0.87 -0.45 5.06
N ARG A 13 0.13 -0.54 4.02
CA ARG A 13 0.02 -1.72 3.25
C ARG A 13 0.10 -1.32 1.80
N CYS A 14 1.24 -1.53 1.23
CA CYS A 14 1.46 -1.27 -0.14
C CYS A 14 1.22 -2.54 -0.92
N ILE A 15 0.12 -2.60 -1.59
CA ILE A 15 -0.25 -3.75 -2.38
C ILE A 15 0.09 -3.48 -3.85
N CYS A 16 0.84 -4.36 -4.44
CA CYS A 16 1.25 -4.19 -5.81
C CYS A 16 0.32 -4.92 -6.74
N GLY A 17 -0.26 -4.19 -7.68
CA GLY A 17 -1.20 -4.78 -8.59
C GLY A 17 -0.48 -5.28 -9.80
N ARG A 18 -0.05 -4.38 -10.61
CA ARG A 18 0.72 -4.67 -11.77
C ARG A 18 1.66 -3.52 -12.03
N GLY A 1 1.28 -3.53 -11.84
CA GLY A 1 2.46 -2.84 -12.25
C GLY A 1 3.07 -1.97 -11.18
N ILE A 2 2.24 -1.33 -10.39
CA ILE A 2 2.71 -0.40 -9.42
C ILE A 2 2.16 -0.77 -8.06
N CYS A 3 2.79 -0.29 -7.03
CA CYS A 3 2.36 -0.61 -5.71
C CYS A 3 1.76 0.61 -5.05
N ARG A 4 0.77 0.37 -4.26
CA ARG A 4 0.00 1.39 -3.61
C ARG A 4 0.22 1.28 -2.12
N CYS A 5 0.81 2.27 -1.54
CA CYS A 5 1.06 2.26 -0.14
C CYS A 5 -0.11 2.87 0.60
N ILE A 6 -0.95 2.01 1.11
CA ILE A 6 -2.13 2.38 1.82
C ILE A 6 -1.83 2.34 3.31
N CYS A 7 -2.34 3.27 4.02
CA CYS A 7 -2.07 3.35 5.43
C CYS A 7 -3.34 3.23 6.24
N GLY A 8 -3.22 2.59 7.38
CA GLY A 8 -4.32 2.44 8.27
C GLY A 8 -4.32 3.53 9.28
N ARG A 9 -3.94 3.21 10.47
CA ARG A 9 -3.84 4.19 11.51
C ARG A 9 -2.42 4.72 11.60
N ARG A 10 -1.46 3.83 11.77
CA ARG A 10 -0.07 4.22 11.85
C ARG A 10 0.84 3.28 11.08
N ILE A 11 0.27 2.25 10.50
CA ILE A 11 1.05 1.28 9.74
C ILE A 11 0.57 1.35 8.30
N CYS A 12 1.43 1.03 7.38
CA CYS A 12 1.10 1.08 5.99
C CYS A 12 1.49 -0.22 5.31
N ARG A 13 0.86 -0.47 4.22
CA ARG A 13 1.06 -1.65 3.42
C ARG A 13 1.16 -1.23 1.98
N CYS A 14 2.23 -1.57 1.34
CA CYS A 14 2.36 -1.30 -0.03
C CYS A 14 1.86 -2.50 -0.80
N ILE A 15 0.64 -2.38 -1.25
CA ILE A 15 -0.02 -3.43 -1.94
C ILE A 15 0.13 -3.26 -3.43
N CYS A 16 0.78 -4.20 -4.03
CA CYS A 16 1.02 -4.17 -5.44
C CYS A 16 -0.19 -4.66 -6.19
N GLY A 17 -0.57 -3.96 -7.25
CA GLY A 17 -1.74 -4.34 -7.96
C GLY A 17 -1.43 -4.69 -9.37
N ARG A 18 -1.38 -3.70 -10.21
CA ARG A 18 -1.06 -3.90 -11.59
C ARG A 18 0.10 -3.01 -11.99
N GLY A 1 4.09 -2.96 -11.07
CA GLY A 1 4.86 -1.75 -11.17
C GLY A 1 4.40 -0.66 -10.22
N ILE A 2 3.18 -0.75 -9.74
CA ILE A 2 2.63 0.22 -8.86
C ILE A 2 1.88 -0.46 -7.74
N CYS A 3 1.82 0.19 -6.63
CA CYS A 3 1.17 -0.34 -5.48
C CYS A 3 0.22 0.69 -4.90
N ARG A 4 -0.82 0.20 -4.28
CA ARG A 4 -1.82 1.01 -3.63
C ARG A 4 -1.65 0.80 -2.13
N CYS A 5 -1.17 1.80 -1.47
CA CYS A 5 -0.84 1.71 -0.08
C CYS A 5 -1.82 2.46 0.80
N ILE A 6 -2.58 1.72 1.58
CA ILE A 6 -3.43 2.31 2.55
C ILE A 6 -2.65 2.38 3.82
N CYS A 7 -2.85 3.39 4.59
CA CYS A 7 -2.11 3.52 5.81
C CYS A 7 -3.04 3.71 6.98
N GLY A 8 -2.65 3.21 8.12
CA GLY A 8 -3.45 3.35 9.31
C GLY A 8 -2.88 4.36 10.24
N ARG A 9 -2.38 3.88 11.36
CA ARG A 9 -1.74 4.73 12.35
C ARG A 9 -0.40 5.21 11.86
N ARG A 10 0.27 4.37 11.08
CA ARG A 10 1.57 4.70 10.50
C ARG A 10 1.97 3.64 9.54
N ILE A 11 1.69 2.44 9.91
CA ILE A 11 2.01 1.29 9.09
C ILE A 11 1.08 1.29 7.90
N CYS A 12 1.58 0.87 6.79
CA CYS A 12 0.82 0.86 5.59
C CYS A 12 0.70 -0.52 5.03
N ARG A 13 -0.26 -0.70 4.19
CA ARG A 13 -0.55 -1.95 3.57
C ARG A 13 -0.66 -1.73 2.08
N CYS A 14 0.32 -2.20 1.37
CA CYS A 14 0.41 -2.01 -0.03
C CYS A 14 -0.01 -3.25 -0.79
N ILE A 15 -0.96 -3.08 -1.67
CA ILE A 15 -1.35 -4.13 -2.58
C ILE A 15 -0.85 -3.69 -3.95
N CYS A 16 -0.21 -4.57 -4.65
CA CYS A 16 0.42 -4.18 -5.90
C CYS A 16 -0.19 -4.91 -7.07
N GLY A 17 -0.20 -4.24 -8.21
CA GLY A 17 -0.63 -4.87 -9.42
C GLY A 17 0.58 -5.23 -10.19
N ARG A 18 1.06 -4.31 -10.96
CA ARG A 18 2.32 -4.47 -11.63
C ARG A 18 2.98 -3.12 -11.75
N GLY A 1 2.14 -4.01 -11.18
CA GLY A 1 3.47 -3.49 -11.01
C GLY A 1 3.45 -2.17 -10.30
N ILE A 2 2.28 -1.57 -10.30
CA ILE A 2 2.06 -0.33 -9.63
C ILE A 2 1.66 -0.68 -8.22
N CYS A 3 2.17 0.05 -7.31
CA CYS A 3 1.91 -0.17 -5.93
C CYS A 3 1.25 1.04 -5.32
N ARG A 4 0.45 0.79 -4.36
CA ARG A 4 -0.29 1.80 -3.66
C ARG A 4 -0.15 1.57 -2.16
N CYS A 5 0.34 2.56 -1.48
CA CYS A 5 0.53 2.47 -0.07
C CYS A 5 -0.60 3.16 0.66
N ILE A 6 -1.32 2.38 1.43
CA ILE A 6 -2.39 2.87 2.25
C ILE A 6 -1.97 2.74 3.70
N CYS A 7 -2.40 3.64 4.54
CA CYS A 7 -1.99 3.61 5.93
C CYS A 7 -3.18 3.62 6.85
N GLY A 8 -3.07 2.88 7.93
CA GLY A 8 -4.13 2.81 8.88
C GLY A 8 -3.83 3.66 10.09
N ARG A 9 -3.60 3.00 11.20
CA ARG A 9 -3.30 3.64 12.47
C ARG A 9 -1.94 4.32 12.38
N ARG A 10 -1.03 3.71 11.66
CA ARG A 10 0.33 4.22 11.48
C ARG A 10 1.05 3.39 10.46
N ILE A 11 0.80 2.13 10.54
CA ILE A 11 1.41 1.15 9.67
C ILE A 11 0.76 1.29 8.30
N CYS A 12 1.49 0.97 7.29
CA CYS A 12 1.02 1.10 5.96
C CYS A 12 1.19 -0.21 5.23
N ARG A 13 0.45 -0.36 4.18
CA ARG A 13 0.48 -1.54 3.36
C ARG A 13 0.52 -1.11 1.91
N CYS A 14 1.55 -1.51 1.23
CA CYS A 14 1.70 -1.21 -0.14
C CYS A 14 1.26 -2.38 -0.99
N ILE A 15 0.07 -2.29 -1.50
CA ILE A 15 -0.49 -3.31 -2.35
C ILE A 15 -0.02 -3.06 -3.76
N CYS A 16 0.21 -4.11 -4.49
CA CYS A 16 0.68 -3.99 -5.85
C CYS A 16 -0.17 -4.85 -6.75
N GLY A 17 -0.37 -4.43 -8.00
CA GLY A 17 -1.16 -5.22 -8.91
C GLY A 17 -0.47 -5.43 -10.23
N ARG A 18 -0.49 -4.43 -11.07
CA ARG A 18 0.11 -4.49 -12.40
C ARG A 18 1.56 -3.99 -12.36
N GLY A 1 0.67 -3.52 -11.70
CA GLY A 1 1.78 -2.81 -12.28
C GLY A 1 2.15 -1.56 -11.52
N ILE A 2 1.39 -1.27 -10.47
CA ILE A 2 1.61 -0.09 -9.66
C ILE A 2 1.63 -0.52 -8.20
N CYS A 3 2.53 0.04 -7.45
CA CYS A 3 2.63 -0.26 -6.06
C CYS A 3 2.18 0.96 -5.28
N ARG A 4 1.63 0.72 -4.14
CA ARG A 4 1.09 1.77 -3.33
C ARG A 4 1.05 1.34 -1.88
N CYS A 5 1.32 2.24 -1.00
CA CYS A 5 1.32 1.97 0.39
C CYS A 5 0.05 2.50 0.99
N ILE A 6 -0.87 1.61 1.24
CA ILE A 6 -2.12 1.96 1.82
C ILE A 6 -1.91 2.04 3.31
N CYS A 7 -2.24 3.16 3.87
CA CYS A 7 -2.05 3.39 5.26
C CYS A 7 -3.37 3.51 5.98
N GLY A 8 -3.39 3.07 7.20
CA GLY A 8 -4.56 3.18 7.99
C GLY A 8 -4.37 4.22 9.03
N ARG A 9 -4.16 3.80 10.24
CA ARG A 9 -3.86 4.70 11.32
C ARG A 9 -2.35 4.91 11.39
N ARG A 10 -1.60 3.86 11.67
CA ARG A 10 -0.13 3.99 11.69
C ARG A 10 0.54 2.91 10.87
N ILE A 11 -0.20 1.91 10.54
CA ILE A 11 0.34 0.82 9.76
C ILE A 11 0.03 1.07 8.30
N CYS A 12 0.91 0.63 7.46
CA CYS A 12 0.77 0.76 6.05
C CYS A 12 1.16 -0.53 5.40
N ARG A 13 0.66 -0.74 4.22
CA ARG A 13 0.93 -1.90 3.43
C ARG A 13 1.25 -1.48 2.03
N CYS A 14 2.47 -1.70 1.64
CA CYS A 14 2.90 -1.41 0.32
C CYS A 14 2.64 -2.62 -0.53
N ILE A 15 1.56 -2.52 -1.26
CA ILE A 15 1.08 -3.58 -2.07
C ILE A 15 1.27 -3.22 -3.52
N CYS A 16 1.38 -4.21 -4.34
CA CYS A 16 1.49 -3.98 -5.75
C CYS A 16 0.33 -4.65 -6.41
N GLY A 17 -0.52 -3.87 -7.02
CA GLY A 17 -1.73 -4.38 -7.58
C GLY A 17 -1.56 -4.77 -9.01
N ARG A 18 -1.71 -3.82 -9.88
CA ARG A 18 -1.60 -4.10 -11.29
C ARG A 18 -0.58 -3.21 -11.94
N GLY A 1 3.48 -3.16 -11.34
CA GLY A 1 4.50 -2.13 -11.24
C GLY A 1 4.16 -1.01 -10.28
N ILE A 2 2.90 -0.89 -9.96
CA ILE A 2 2.42 0.15 -9.10
C ILE A 2 1.89 -0.50 -7.84
N CYS A 3 2.02 0.19 -6.75
CA CYS A 3 1.50 -0.25 -5.50
C CYS A 3 0.63 0.85 -4.95
N ARG A 4 -0.35 0.46 -4.22
CA ARG A 4 -1.26 1.37 -3.59
C ARG A 4 -1.27 1.04 -2.13
N CYS A 5 -0.80 1.94 -1.33
CA CYS A 5 -0.66 1.71 0.06
C CYS A 5 -1.77 2.38 0.84
N ILE A 6 -2.55 1.57 1.51
CA ILE A 6 -3.54 2.04 2.40
C ILE A 6 -2.90 2.10 3.77
N CYS A 7 -3.12 3.14 4.50
CA CYS A 7 -2.41 3.34 5.74
C CYS A 7 -3.33 3.51 6.92
N GLY A 8 -2.87 3.07 8.07
CA GLY A 8 -3.59 3.28 9.28
C GLY A 8 -3.00 4.43 10.04
N ARG A 9 -2.44 4.14 11.18
CA ARG A 9 -1.79 5.16 11.97
C ARG A 9 -0.43 5.45 11.40
N ARG A 10 0.45 4.46 11.42
CA ARG A 10 1.79 4.63 10.88
C ARG A 10 2.27 3.38 10.14
N ILE A 11 1.40 2.43 9.99
CA ILE A 11 1.72 1.23 9.24
C ILE A 11 0.81 1.22 8.02
N CYS A 12 1.27 0.66 6.95
CA CYS A 12 0.51 0.64 5.73
C CYS A 12 0.49 -0.74 5.13
N ARG A 13 -0.40 -0.94 4.20
CA ARG A 13 -0.53 -2.15 3.44
C ARG A 13 -0.42 -1.77 1.99
N CYS A 14 0.63 -2.17 1.37
CA CYS A 14 0.86 -1.86 -0.01
C CYS A 14 0.41 -2.99 -0.90
N ILE A 15 -0.66 -2.72 -1.61
CA ILE A 15 -1.21 -3.65 -2.54
C ILE A 15 -0.62 -3.35 -3.91
N CYS A 16 0.13 -4.27 -4.41
CA CYS A 16 0.80 -4.08 -5.67
C CYS A 16 0.13 -4.91 -6.74
N GLY A 17 0.13 -4.41 -7.95
CA GLY A 17 -0.45 -5.13 -9.03
C GLY A 17 0.52 -5.25 -10.18
N ARG A 18 0.58 -4.22 -10.98
CA ARG A 18 1.46 -4.19 -12.14
C ARG A 18 2.39 -3.00 -12.06
N GLY A 1 0.95 -3.48 -11.51
CA GLY A 1 2.22 -2.97 -12.01
C GLY A 1 2.51 -1.63 -11.40
N ILE A 2 1.68 -1.28 -10.47
CA ILE A 2 1.77 -0.07 -9.73
C ILE A 2 1.52 -0.47 -8.29
N CYS A 3 2.19 0.16 -7.38
CA CYS A 3 2.02 -0.14 -6.00
C CYS A 3 1.15 0.90 -5.33
N ARG A 4 0.52 0.50 -4.29
CA ARG A 4 -0.30 1.37 -3.51
C ARG A 4 0.12 1.19 -2.07
N CYS A 5 0.75 2.18 -1.52
CA CYS A 5 1.13 2.13 -0.16
C CYS A 5 0.07 2.79 0.68
N ILE A 6 -0.76 1.97 1.26
CA ILE A 6 -1.83 2.43 2.06
C ILE A 6 -1.37 2.57 3.48
N CYS A 7 -1.91 3.50 4.16
CA CYS A 7 -1.63 3.70 5.54
C CYS A 7 -2.92 4.00 6.24
N GLY A 8 -3.09 3.39 7.36
CA GLY A 8 -4.24 3.65 8.15
C GLY A 8 -3.91 4.64 9.20
N ARG A 9 -3.99 4.24 10.43
CA ARG A 9 -3.69 5.12 11.50
C ARG A 9 -2.40 4.71 12.22
N ARG A 10 -1.92 3.49 11.98
CA ARG A 10 -0.65 3.06 12.59
C ARG A 10 0.12 2.05 11.73
N ILE A 11 -0.45 1.64 10.63
CA ILE A 11 0.14 0.61 9.79
C ILE A 11 0.19 1.14 8.37
N CYS A 12 1.10 0.63 7.58
CA CYS A 12 1.17 0.91 6.18
C CYS A 12 1.42 -0.39 5.48
N ARG A 13 1.18 -0.41 4.20
CA ARG A 13 1.35 -1.60 3.41
C ARG A 13 1.43 -1.24 1.95
N CYS A 14 2.49 -1.62 1.30
CA CYS A 14 2.67 -1.40 -0.09
C CYS A 14 2.22 -2.60 -0.88
N ILE A 15 1.04 -2.47 -1.41
CA ILE A 15 0.40 -3.51 -2.18
C ILE A 15 0.69 -3.26 -3.65
N CYS A 16 1.19 -4.23 -4.34
CA CYS A 16 1.51 -4.07 -5.74
C CYS A 16 0.76 -5.12 -6.55
N GLY A 17 -0.06 -4.67 -7.48
CA GLY A 17 -0.82 -5.59 -8.26
C GLY A 17 -0.83 -5.26 -9.74
N ARG A 18 -1.31 -4.09 -10.06
CA ARG A 18 -1.48 -3.67 -11.48
C ARG A 18 -0.17 -3.16 -12.12
N GLY A 1 1.74 -3.84 -11.97
CA GLY A 1 2.15 -2.64 -12.63
C GLY A 1 2.06 -1.43 -11.72
N ILE A 2 1.06 -1.41 -10.86
CA ILE A 2 0.88 -0.29 -9.95
C ILE A 2 0.97 -0.76 -8.50
N CYS A 3 1.53 0.10 -7.67
CA CYS A 3 1.65 -0.11 -6.24
C CYS A 3 1.25 1.16 -5.52
N ARG A 4 0.74 1.03 -4.33
CA ARG A 4 0.33 2.16 -3.51
C ARG A 4 0.67 1.87 -2.05
N CYS A 5 1.24 2.81 -1.36
CA CYS A 5 1.54 2.64 0.02
C CYS A 5 0.48 3.32 0.86
N ILE A 6 -0.38 2.51 1.41
CA ILE A 6 -1.48 2.98 2.18
C ILE A 6 -1.19 2.83 3.66
N CYS A 7 -1.62 3.80 4.42
CA CYS A 7 -1.46 3.78 5.85
C CYS A 7 -2.79 4.01 6.51
N GLY A 8 -3.05 3.26 7.54
CA GLY A 8 -4.28 3.41 8.27
C GLY A 8 -4.06 4.27 9.49
N ARG A 9 -4.31 3.71 10.64
CA ARG A 9 -4.11 4.43 11.87
C ARG A 9 -2.69 4.26 12.40
N ARG A 10 -1.96 3.28 11.86
CA ARG A 10 -0.57 3.04 12.26
C ARG A 10 0.15 2.17 11.25
N ILE A 11 -0.53 1.21 10.76
CA ILE A 11 0.02 0.25 9.85
C ILE A 11 0.04 0.82 8.44
N CYS A 12 1.00 0.40 7.69
CA CYS A 12 1.17 0.80 6.32
C CYS A 12 1.53 -0.42 5.52
N ARG A 13 1.29 -0.35 4.25
CA ARG A 13 1.55 -1.46 3.37
C ARG A 13 1.56 -0.96 1.94
N CYS A 14 2.55 -1.34 1.20
CA CYS A 14 2.62 -1.02 -0.18
C CYS A 14 2.01 -2.15 -0.95
N ILE A 15 0.77 -1.95 -1.33
CA ILE A 15 0.01 -2.92 -2.02
C ILE A 15 0.32 -2.84 -3.48
N CYS A 16 0.39 -3.96 -4.13
CA CYS A 16 0.73 -3.98 -5.52
C CYS A 16 -0.16 -4.89 -6.30
N GLY A 17 -0.57 -4.43 -7.44
CA GLY A 17 -1.26 -5.26 -8.35
C GLY A 17 -0.27 -5.74 -9.36
N ARG A 18 -0.52 -5.49 -10.60
CA ARG A 18 0.42 -5.81 -11.62
C ARG A 18 0.75 -4.56 -12.42
N GLY A 1 2.86 -3.81 -11.56
CA GLY A 1 3.87 -2.77 -11.56
C GLY A 1 3.49 -1.56 -10.72
N ILE A 2 2.20 -1.32 -10.61
CA ILE A 2 1.71 -0.19 -9.88
C ILE A 2 1.36 -0.64 -8.49
N CYS A 3 1.75 0.13 -7.55
CA CYS A 3 1.53 -0.17 -6.17
C CYS A 3 0.86 1.01 -5.50
N ARG A 4 0.16 0.72 -4.44
CA ARG A 4 -0.50 1.74 -3.67
C ARG A 4 -0.39 1.40 -2.19
N CYS A 5 0.05 2.34 -1.42
CA CYS A 5 0.24 2.18 -0.02
C CYS A 5 -0.88 2.83 0.74
N ILE A 6 -1.64 2.02 1.43
CA ILE A 6 -2.68 2.51 2.27
C ILE A 6 -2.23 2.40 3.71
N CYS A 7 -2.68 3.29 4.53
CA CYS A 7 -2.24 3.32 5.89
C CYS A 7 -3.39 3.28 6.85
N GLY A 8 -3.08 2.95 8.08
CA GLY A 8 -4.00 3.05 9.15
C GLY A 8 -3.65 4.28 9.90
N ARG A 9 -3.23 4.14 11.11
CA ARG A 9 -2.73 5.27 11.81
C ARG A 9 -1.19 5.26 11.78
N ARG A 10 -0.59 4.10 12.03
CA ARG A 10 0.87 4.00 12.04
C ARG A 10 1.41 2.96 11.08
N ILE A 11 0.65 1.94 10.83
CA ILE A 11 1.10 0.87 9.94
C ILE A 11 0.51 1.08 8.56
N CYS A 12 1.26 0.73 7.57
CA CYS A 12 0.84 0.88 6.19
C CYS A 12 1.06 -0.42 5.45
N ARG A 13 0.33 -0.58 4.40
CA ARG A 13 0.35 -1.77 3.59
C ARG A 13 0.38 -1.38 2.13
N CYS A 14 1.43 -1.76 1.47
CA CYS A 14 1.60 -1.47 0.08
C CYS A 14 1.24 -2.66 -0.76
N ILE A 15 0.13 -2.56 -1.43
CA ILE A 15 -0.32 -3.63 -2.30
C ILE A 15 -0.02 -3.27 -3.73
N CYS A 16 0.25 -4.26 -4.55
CA CYS A 16 0.67 -4.02 -5.90
C CYS A 16 -0.15 -4.77 -6.90
N GLY A 17 -0.35 -4.14 -8.03
CA GLY A 17 -1.00 -4.74 -9.14
C GLY A 17 0.04 -5.11 -10.13
N ARG A 18 -0.11 -4.69 -11.35
CA ARG A 18 0.90 -4.96 -12.32
C ARG A 18 1.86 -3.79 -12.43
N GLY A 1 1.70 -3.47 -11.99
CA GLY A 1 2.56 -2.38 -12.39
C GLY A 1 2.53 -1.22 -11.40
N ILE A 2 1.47 -1.13 -10.63
CA ILE A 2 1.30 -0.04 -9.70
C ILE A 2 1.33 -0.58 -8.29
N CYS A 3 1.88 0.19 -7.41
CA CYS A 3 1.96 -0.12 -6.03
C CYS A 3 1.40 1.04 -5.26
N ARG A 4 0.70 0.74 -4.23
CA ARG A 4 0.08 1.75 -3.38
C ARG A 4 0.27 1.35 -1.92
N CYS A 5 0.83 2.24 -1.16
CA CYS A 5 1.03 2.05 0.24
C CYS A 5 -0.14 2.62 1.01
N ILE A 6 -1.02 1.75 1.41
CA ILE A 6 -2.19 2.11 2.14
C ILE A 6 -1.77 2.22 3.59
N CYS A 7 -2.22 3.26 4.23
CA CYS A 7 -1.90 3.50 5.61
C CYS A 7 -3.13 3.82 6.42
N GLY A 8 -3.13 3.37 7.63
CA GLY A 8 -4.16 3.71 8.57
C GLY A 8 -3.63 4.74 9.52
N ARG A 9 -3.84 4.54 10.81
CA ARG A 9 -3.34 5.47 11.79
C ARG A 9 -1.85 5.22 12.06
N ARG A 10 -1.44 3.96 11.99
CA ARG A 10 -0.04 3.62 12.23
C ARG A 10 0.42 2.38 11.44
N ILE A 11 -0.45 1.77 10.69
CA ILE A 11 -0.06 0.62 9.89
C ILE A 11 -0.06 1.03 8.44
N CYS A 12 0.83 0.47 7.69
CA CYS A 12 0.94 0.70 6.27
C CYS A 12 1.30 -0.59 5.60
N ARG A 13 1.04 -0.66 4.34
CA ARG A 13 1.37 -1.81 3.52
C ARG A 13 1.26 -1.43 2.05
N CYS A 14 2.23 -1.81 1.27
CA CYS A 14 2.28 -1.48 -0.12
C CYS A 14 1.85 -2.66 -0.96
N ILE A 15 0.71 -2.52 -1.60
CA ILE A 15 0.17 -3.55 -2.44
C ILE A 15 0.54 -3.22 -3.87
N CYS A 16 1.08 -4.19 -4.57
CA CYS A 16 1.41 -4.03 -5.96
C CYS A 16 0.55 -4.97 -6.76
N GLY A 17 -0.28 -4.41 -7.60
CA GLY A 17 -1.19 -5.23 -8.35
C GLY A 17 -0.64 -5.56 -9.70
N ARG A 18 -0.77 -4.61 -10.58
CA ARG A 18 -0.32 -4.78 -11.94
C ARG A 18 0.45 -3.54 -12.40
N GLY A 1 3.11 -2.95 -11.85
CA GLY A 1 3.89 -1.75 -12.08
C GLY A 1 3.49 -0.61 -11.18
N ILE A 2 2.34 -0.70 -10.57
CA ILE A 2 1.81 0.34 -9.72
C ILE A 2 1.49 -0.26 -8.37
N CYS A 3 1.67 0.49 -7.32
CA CYS A 3 1.38 0.00 -6.01
C CYS A 3 0.31 0.83 -5.36
N ARG A 4 -0.42 0.19 -4.47
CA ARG A 4 -1.49 0.80 -3.74
C ARG A 4 -1.22 0.59 -2.26
N CYS A 5 -1.12 1.66 -1.53
CA CYS A 5 -0.79 1.60 -0.15
C CYS A 5 -1.90 2.16 0.72
N ILE A 6 -2.40 1.34 1.59
CA ILE A 6 -3.33 1.76 2.56
C ILE A 6 -2.58 1.93 3.86
N CYS A 7 -2.86 2.98 4.56
CA CYS A 7 -2.16 3.28 5.77
C CYS A 7 -3.09 3.91 6.78
N GLY A 8 -2.81 3.65 8.03
CA GLY A 8 -3.47 4.35 9.07
C GLY A 8 -2.58 5.48 9.46
N ARG A 9 -2.23 5.56 10.70
CA ARG A 9 -1.29 6.55 11.13
C ARG A 9 -0.03 5.89 11.60
N ARG A 10 0.03 4.59 11.47
CA ARG A 10 1.16 3.82 11.91
C ARG A 10 1.46 2.68 10.96
N ILE A 11 0.52 1.82 10.85
CA ILE A 11 0.66 0.59 10.09
C ILE A 11 0.21 0.83 8.65
N CYS A 12 0.80 0.10 7.73
CA CYS A 12 0.48 0.19 6.33
C CYS A 12 0.40 -1.17 5.69
N ARG A 13 -0.14 -1.19 4.50
CA ARG A 13 -0.26 -2.34 3.64
C ARG A 13 -0.14 -1.88 2.23
N CYS A 14 0.90 -2.28 1.57
CA CYS A 14 1.14 -1.92 0.23
C CYS A 14 0.99 -3.10 -0.68
N ILE A 15 -0.03 -3.07 -1.48
CA ILE A 15 -0.29 -4.10 -2.44
C ILE A 15 0.17 -3.60 -3.79
N CYS A 16 1.10 -4.27 -4.36
CA CYS A 16 1.58 -3.91 -5.65
C CYS A 16 0.92 -4.75 -6.71
N GLY A 17 0.43 -4.10 -7.75
CA GLY A 17 -0.25 -4.78 -8.79
C GLY A 17 0.66 -5.04 -9.94
N ARG A 18 0.46 -4.33 -11.01
CA ARG A 18 1.29 -4.46 -12.18
C ARG A 18 1.98 -3.15 -12.45
N GLY A 1 1.79 -4.06 -11.27
CA GLY A 1 3.14 -3.49 -11.38
C GLY A 1 3.32 -2.27 -10.51
N ILE A 2 2.24 -1.61 -10.22
CA ILE A 2 2.25 -0.41 -9.45
C ILE A 2 1.78 -0.76 -8.06
N CYS A 3 2.37 -0.19 -7.06
CA CYS A 3 1.92 -0.37 -5.70
C CYS A 3 1.27 0.88 -5.20
N ARG A 4 0.42 0.71 -4.26
CA ARG A 4 -0.26 1.78 -3.59
C ARG A 4 0.02 1.63 -2.12
N CYS A 5 0.63 2.59 -1.53
CA CYS A 5 0.99 2.55 -0.16
C CYS A 5 -0.08 3.22 0.68
N ILE A 6 -0.92 2.40 1.26
CA ILE A 6 -2.01 2.84 2.06
C ILE A 6 -1.67 2.67 3.53
N CYS A 7 -2.27 3.47 4.36
CA CYS A 7 -2.00 3.44 5.77
C CYS A 7 -3.30 3.34 6.56
N GLY A 8 -3.23 2.67 7.67
CA GLY A 8 -4.36 2.55 8.54
C GLY A 8 -4.27 3.56 9.65
N ARG A 9 -3.99 3.09 10.82
CA ARG A 9 -3.77 3.96 11.97
C ARG A 9 -2.35 4.52 11.92
N ARG A 10 -1.38 3.63 11.95
CA ARG A 10 0.02 4.04 11.90
C ARG A 10 0.89 3.05 11.11
N ILE A 11 0.27 2.00 10.60
CA ILE A 11 0.98 1.00 9.81
C ILE A 11 0.56 1.20 8.38
N CYS A 12 1.46 0.98 7.49
CA CYS A 12 1.20 1.17 6.09
C CYS A 12 1.55 -0.09 5.32
N ARG A 13 1.04 -0.19 4.13
CA ARG A 13 1.27 -1.33 3.28
C ARG A 13 1.18 -0.92 1.83
N CYS A 14 2.15 -1.34 1.08
CA CYS A 14 2.18 -1.09 -0.32
C CYS A 14 1.71 -2.31 -1.06
N ILE A 15 0.54 -2.22 -1.65
CA ILE A 15 -0.04 -3.32 -2.40
C ILE A 15 0.10 -3.08 -3.90
N CYS A 16 0.66 -4.04 -4.59
CA CYS A 16 0.79 -3.99 -6.03
C CYS A 16 -0.28 -4.80 -6.71
N GLY A 17 -0.86 -4.23 -7.72
CA GLY A 17 -1.85 -4.92 -8.49
C GLY A 17 -1.32 -5.26 -9.85
N ARG A 18 -0.98 -4.24 -10.61
CA ARG A 18 -0.50 -4.41 -11.96
C ARG A 18 0.86 -3.73 -12.14
N GLY A 1 0.50 -3.10 -11.49
CA GLY A 1 1.63 -2.65 -12.28
C GLY A 1 2.51 -1.70 -11.50
N ILE A 2 1.94 -1.16 -10.46
CA ILE A 2 2.60 -0.20 -9.59
C ILE A 2 2.08 -0.49 -8.19
N CYS A 3 2.91 -0.28 -7.21
CA CYS A 3 2.50 -0.52 -5.85
C CYS A 3 1.94 0.74 -5.23
N ARG A 4 0.95 0.55 -4.41
CA ARG A 4 0.28 1.62 -3.71
C ARG A 4 0.40 1.35 -2.22
N CYS A 5 0.88 2.30 -1.49
CA CYS A 5 1.05 2.17 -0.09
C CYS A 5 -0.13 2.73 0.64
N ILE A 6 -0.93 1.83 1.19
CA ILE A 6 -2.11 2.14 1.92
C ILE A 6 -1.73 2.36 3.36
N CYS A 7 -2.22 3.40 3.94
CA CYS A 7 -1.98 3.66 5.33
C CYS A 7 -3.26 3.68 6.11
N GLY A 8 -3.23 3.11 7.27
CA GLY A 8 -4.36 3.09 8.13
C GLY A 8 -4.21 4.13 9.19
N ARG A 9 -3.95 3.69 10.38
CA ARG A 9 -3.73 4.59 11.48
C ARG A 9 -2.24 4.74 11.73
N ARG A 10 -1.58 3.66 12.08
CA ARG A 10 -0.14 3.71 12.34
C ARG A 10 0.61 2.70 11.51
N ILE A 11 -0.10 1.88 10.78
CA ILE A 11 0.53 0.90 9.93
C ILE A 11 0.19 1.23 8.49
N CYS A 12 1.09 0.89 7.61
CA CYS A 12 0.90 1.06 6.19
C CYS A 12 1.30 -0.23 5.52
N ARG A 13 0.99 -0.37 4.25
CA ARG A 13 1.37 -1.54 3.48
C ARG A 13 1.33 -1.20 2.00
N CYS A 14 2.33 -1.61 1.29
CA CYS A 14 2.41 -1.38 -0.10
C CYS A 14 1.89 -2.57 -0.87
N ILE A 15 0.75 -2.36 -1.47
CA ILE A 15 0.06 -3.35 -2.24
C ILE A 15 0.47 -3.23 -3.69
N CYS A 16 0.86 -4.33 -4.26
CA CYS A 16 1.32 -4.35 -5.63
C CYS A 16 0.38 -5.25 -6.41
N GLY A 17 0.28 -5.03 -7.69
CA GLY A 17 -0.58 -5.87 -8.47
C GLY A 17 -1.08 -5.21 -9.71
N ARG A 18 -1.27 -3.91 -9.65
CA ARG A 18 -1.82 -3.17 -10.77
C ARG A 18 -0.70 -2.58 -11.64
N GLY A 1 2.42 -2.63 -11.69
CA GLY A 1 3.47 -1.62 -11.79
C GLY A 1 3.34 -0.54 -10.74
N ILE A 2 2.20 -0.47 -10.12
CA ILE A 2 1.90 0.55 -9.15
C ILE A 2 1.55 -0.17 -7.87
N CYS A 3 1.82 0.43 -6.75
CA CYS A 3 1.48 -0.20 -5.52
C CYS A 3 0.40 0.58 -4.82
N ARG A 4 -0.41 -0.13 -4.11
CA ARG A 4 -1.48 0.43 -3.35
C ARG A 4 -1.15 0.27 -1.89
N CYS A 5 -0.70 1.33 -1.29
CA CYS A 5 -0.33 1.33 0.06
C CYS A 5 -1.47 1.81 0.92
N ILE A 6 -2.13 0.86 1.53
CA ILE A 6 -3.18 1.14 2.46
C ILE A 6 -2.50 1.53 3.73
N CYS A 7 -2.64 2.74 4.08
CA CYS A 7 -1.99 3.30 5.23
C CYS A 7 -2.96 3.97 6.15
N GLY A 8 -2.69 3.84 7.40
CA GLY A 8 -3.44 4.49 8.40
C GLY A 8 -2.56 5.49 9.08
N ARG A 9 -2.59 5.54 10.37
CA ARG A 9 -1.75 6.45 11.09
C ARG A 9 -0.34 5.88 11.20
N ARG A 10 -0.24 4.61 11.52
CA ARG A 10 1.05 3.98 11.74
C ARG A 10 1.22 2.71 10.94
N ILE A 11 0.13 2.19 10.47
CA ILE A 11 0.14 0.91 9.77
C ILE A 11 -0.01 1.15 8.28
N CYS A 12 0.63 0.33 7.52
CA CYS A 12 0.56 0.33 6.08
C CYS A 12 0.60 -1.06 5.57
N ARG A 13 0.20 -1.20 4.35
CA ARG A 13 0.22 -2.43 3.63
C ARG A 13 0.29 -2.09 2.16
N CYS A 14 1.42 -2.31 1.55
CA CYS A 14 1.59 -2.02 0.16
C CYS A 14 1.38 -3.26 -0.70
N ILE A 15 0.30 -3.25 -1.44
CA ILE A 15 0.00 -4.31 -2.38
C ILE A 15 0.42 -3.82 -3.75
N CYS A 16 1.34 -4.48 -4.38
CA CYS A 16 1.80 -4.06 -5.68
C CYS A 16 1.08 -4.79 -6.78
N GLY A 17 0.37 -4.03 -7.59
CA GLY A 17 -0.43 -4.60 -8.61
C GLY A 17 0.25 -4.56 -9.94
N ARG A 18 -0.25 -3.75 -10.81
CA ARG A 18 0.29 -3.64 -12.15
C ARG A 18 1.26 -2.47 -12.28
N GLY A 1 1.89 -3.14 -11.19
CA GLY A 1 3.24 -2.60 -11.29
C GLY A 1 3.63 -1.75 -10.13
N ILE A 2 2.71 -1.03 -9.60
CA ILE A 2 3.00 -0.12 -8.53
C ILE A 2 2.26 -0.57 -7.32
N CYS A 3 2.79 -0.33 -6.18
CA CYS A 3 2.11 -0.68 -4.99
C CYS A 3 1.36 0.52 -4.51
N ARG A 4 0.20 0.28 -4.06
CA ARG A 4 -0.63 1.31 -3.55
C ARG A 4 -0.56 1.19 -2.05
N CYS A 5 0.06 2.15 -1.45
CA CYS A 5 0.24 2.16 -0.06
C CYS A 5 -0.93 2.80 0.63
N ILE A 6 -1.75 1.96 1.17
CA ILE A 6 -2.88 2.37 1.93
C ILE A 6 -2.49 2.29 3.40
N CYS A 7 -2.78 3.31 4.14
CA CYS A 7 -2.33 3.40 5.50
C CYS A 7 -3.48 3.39 6.49
N GLY A 8 -3.21 2.85 7.65
CA GLY A 8 -4.19 2.83 8.72
C GLY A 8 -3.82 3.82 9.78
N ARG A 9 -3.20 3.32 10.81
CA ARG A 9 -2.71 4.12 11.89
C ARG A 9 -1.41 4.78 11.45
N ARG A 10 -0.32 4.04 11.47
CA ARG A 10 0.93 4.55 10.93
C ARG A 10 1.63 3.50 10.10
N ILE A 11 1.02 2.33 10.02
CA ILE A 11 1.57 1.27 9.21
C ILE A 11 0.82 1.31 7.92
N CYS A 12 1.47 1.00 6.86
CA CYS A 12 0.84 1.02 5.59
C CYS A 12 0.96 -0.30 4.93
N ARG A 13 0.09 -0.55 4.04
CA ARG A 13 0.06 -1.75 3.29
C ARG A 13 0.21 -1.39 1.85
N CYS A 14 1.35 -1.66 1.32
CA CYS A 14 1.62 -1.39 -0.04
C CYS A 14 1.29 -2.59 -0.88
N ILE A 15 0.14 -2.54 -1.49
CA ILE A 15 -0.34 -3.62 -2.30
C ILE A 15 -0.13 -3.34 -3.78
N CYS A 16 0.69 -4.14 -4.40
CA CYS A 16 0.96 -4.09 -5.82
C CYS A 16 -0.06 -4.91 -6.59
N GLY A 17 -0.10 -4.68 -7.88
CA GLY A 17 -1.00 -5.41 -8.72
C GLY A 17 -0.74 -5.11 -10.17
N ARG A 18 -0.67 -3.84 -10.48
CA ARG A 18 -0.42 -3.39 -11.83
C ARG A 18 0.94 -2.69 -11.96
N GLY A 1 0.37 -3.37 -11.52
CA GLY A 1 1.39 -2.86 -12.43
C GLY A 1 2.09 -1.66 -11.80
N ILE A 2 1.67 -1.35 -10.58
CA ILE A 2 2.11 -0.22 -9.78
C ILE A 2 1.80 -0.62 -8.35
N CYS A 3 2.51 -0.10 -7.40
CA CYS A 3 2.23 -0.38 -6.02
C CYS A 3 1.66 0.86 -5.36
N ARG A 4 0.84 0.66 -4.37
CA ARG A 4 0.21 1.75 -3.64
C ARG A 4 0.50 1.62 -2.17
N CYS A 5 1.15 2.61 -1.61
CA CYS A 5 1.48 2.63 -0.21
C CYS A 5 0.39 3.30 0.59
N ILE A 6 -0.42 2.49 1.22
CA ILE A 6 -1.51 3.00 1.99
C ILE A 6 -1.26 2.78 3.46
N CYS A 7 -1.81 3.64 4.26
CA CYS A 7 -1.72 3.56 5.69
C CYS A 7 -3.10 3.71 6.29
N GLY A 8 -3.35 2.99 7.36
CA GLY A 8 -4.60 3.11 8.05
C GLY A 8 -4.45 4.11 9.16
N ARG A 9 -4.20 3.61 10.31
CA ARG A 9 -3.87 4.41 11.44
C ARG A 9 -2.35 4.58 11.47
N ARG A 10 -1.66 3.53 11.90
CA ARG A 10 -0.20 3.52 11.84
C ARG A 10 0.32 2.30 11.11
N ILE A 11 -0.57 1.46 10.64
CA ILE A 11 -0.17 0.31 9.83
C ILE A 11 -0.16 0.78 8.39
N CYS A 12 0.80 0.32 7.65
CA CYS A 12 0.94 0.69 6.27
C CYS A 12 1.34 -0.51 5.47
N ARG A 13 1.09 -0.46 4.20
CA ARG A 13 1.43 -1.52 3.32
C ARG A 13 1.49 -0.99 1.89
N CYS A 14 2.56 -1.26 1.21
CA CYS A 14 2.66 -0.97 -0.17
C CYS A 14 2.20 -2.18 -0.93
N ILE A 15 0.97 -2.13 -1.38
CA ILE A 15 0.34 -3.24 -2.03
C ILE A 15 0.64 -3.16 -3.52
N CYS A 16 1.03 -4.26 -4.09
CA CYS A 16 1.35 -4.32 -5.50
C CYS A 16 0.37 -5.24 -6.20
N GLY A 17 0.47 -5.33 -7.51
CA GLY A 17 -0.38 -6.21 -8.26
C GLY A 17 -1.28 -5.43 -9.18
N ARG A 18 -0.91 -4.20 -9.46
CA ARG A 18 -1.70 -3.32 -10.31
C ARG A 18 -0.81 -2.78 -11.41
#